data_5I97
#
_entry.id   5I97
#
_cell.length_a   112.049
_cell.length_b   123.362
_cell.length_c   109.800
_cell.angle_alpha   90.00
_cell.angle_beta   90.00
_cell.angle_gamma   90.00
#
_symmetry.space_group_name_H-M   'C 2 2 21'
#
loop_
_entity.id
_entity.type
_entity.pdbx_description
1 polymer 'Conjugal transfer protein'
2 water water
#
_entity_poly.entity_id   1
_entity_poly.type   'polypeptide(L)'
_entity_poly.pdbx_seq_one_letter_code
;AHLLTLNEATHEVQQVKLTRDQTSYGDEIDKFWLTQYVIHRESYDFYSVQVDYTAVGLMSTPNVAESYQSKFKGRNGLDK
VLGDSETTRVKINSVILDKPHGVATIRFTTVRRVRSNPVDDQPQRWIAIMGYEYKSLAMNAEQRYVNPLGFRVTSYRVNP
EVN
;
_entity_poly.pdbx_strand_id   A,B,C,D
#
# COMPACT_ATOMS: atom_id res chain seq x y z
N THR A 19 24.26 -6.96 -19.30
CA THR A 19 24.51 -8.33 -19.75
C THR A 19 24.76 -8.42 -21.27
N ARG A 20 24.42 -7.37 -22.00
CA ARG A 20 24.64 -7.37 -23.45
C ARG A 20 24.61 -5.96 -24.06
N ASP A 21 25.48 -5.73 -25.03
CA ASP A 21 25.50 -4.47 -25.76
C ASP A 21 24.35 -4.41 -26.75
N GLN A 22 23.35 -3.64 -26.38
CA GLN A 22 22.14 -3.34 -27.17
C GLN A 22 21.66 -1.91 -27.13
N THR A 23 21.24 -1.42 -28.27
CA THR A 23 20.57 -0.14 -28.33
C THR A 23 19.18 -0.20 -27.69
N SER A 24 18.40 -1.24 -28.00
CA SER A 24 17.04 -1.33 -27.49
C SER A 24 16.68 -2.70 -26.96
N TYR A 25 15.62 -2.74 -26.17
CA TYR A 25 15.07 -3.96 -25.63
C TYR A 25 13.58 -4.06 -25.93
N GLY A 26 13.10 -3.20 -26.81
CA GLY A 26 11.67 -3.19 -27.06
C GLY A 26 10.98 -2.05 -26.34
N ASP A 27 9.79 -1.71 -26.82
CA ASP A 27 9.05 -0.56 -26.32
C ASP A 27 8.84 -0.56 -24.81
N GLU A 28 8.31 -1.66 -24.29
CA GLU A 28 7.86 -1.67 -22.91
C GLU A 28 9.00 -1.61 -21.91
N ILE A 29 10.08 -2.30 -22.21
CA ILE A 29 11.26 -2.33 -21.36
C ILE A 29 12.03 -1.02 -21.43
N ASP A 30 12.23 -0.52 -22.65
CA ASP A 30 12.90 0.77 -22.86
C ASP A 30 12.17 1.87 -22.08
N LYS A 31 10.85 1.91 -22.23
CA LYS A 31 10.04 2.91 -21.58
C LYS A 31 10.18 2.81 -20.07
N PHE A 32 10.34 1.59 -19.55
CA PHE A 32 10.48 1.41 -18.12
C PHE A 32 11.73 2.10 -17.58
N TRP A 33 12.89 1.79 -18.16
CA TRP A 33 14.15 2.36 -17.69
C TRP A 33 14.21 3.85 -17.94
N LEU A 34 13.68 4.31 -19.07
CA LEU A 34 13.73 5.72 -19.37
C LEU A 34 12.88 6.53 -18.39
N THR A 35 11.69 6.04 -18.07
CA THR A 35 10.84 6.75 -17.12
C THR A 35 11.43 6.66 -15.71
N GLN A 36 12.03 5.53 -15.37
CA GLN A 36 12.70 5.37 -14.08
C GLN A 36 13.83 6.36 -13.92
N TYR A 37 14.55 6.59 -15.01
CA TYR A 37 15.68 7.49 -14.99
C TYR A 37 15.19 8.90 -14.72
N VAL A 38 14.17 9.33 -15.45
CA VAL A 38 13.61 10.66 -15.27
C VAL A 38 13.05 10.83 -13.87
N ILE A 39 12.37 9.81 -13.37
CA ILE A 39 11.83 9.88 -12.03
C ILE A 39 12.94 9.99 -10.98
N HIS A 40 14.01 9.21 -11.13
CA HIS A 40 15.12 9.24 -10.20
C HIS A 40 15.82 10.60 -10.23
N ARG A 41 15.96 11.15 -11.43
CA ARG A 41 16.78 12.34 -11.63
C ARG A 41 16.04 13.66 -11.36
N GLU A 42 14.77 13.71 -11.71
CA GLU A 42 14.02 14.96 -11.62
C GLU A 42 13.23 15.06 -10.33
N SER A 43 13.13 13.97 -9.60
CA SER A 43 12.50 14.02 -8.29
C SER A 43 13.49 14.54 -7.27
N TYR A 44 12.96 15.07 -6.17
CA TYR A 44 13.76 15.32 -5.00
C TYR A 44 13.02 14.87 -3.75
N ASP A 45 13.59 13.90 -3.07
CA ASP A 45 13.09 13.46 -1.79
C ASP A 45 14.27 13.08 -0.93
N PHE A 46 14.45 13.80 0.19
CA PHE A 46 15.61 13.63 1.03
C PHE A 46 15.71 12.19 1.51
N TYR A 47 14.58 11.57 1.72
CA TYR A 47 14.58 10.22 2.26
C TYR A 47 14.98 9.19 1.21
N SER A 48 15.02 9.58 -0.06
CA SER A 48 15.44 8.61 -1.08
C SER A 48 16.54 9.15 -1.98
N VAL A 49 17.07 10.32 -1.66
CA VAL A 49 18.00 11.01 -2.56
C VAL A 49 19.29 10.22 -2.73
N GLN A 50 19.68 9.45 -1.74
CA GLN A 50 20.89 8.66 -1.89
C GLN A 50 20.67 7.52 -2.88
N VAL A 51 19.51 6.90 -2.83
CA VAL A 51 19.17 5.84 -3.78
C VAL A 51 19.03 6.40 -5.18
N ASP A 52 18.34 7.54 -5.30
CA ASP A 52 18.15 8.17 -6.60
C ASP A 52 19.47 8.58 -7.23
N TYR A 53 20.35 9.17 -6.43
CA TYR A 53 21.68 9.60 -6.85
C TYR A 53 22.52 8.42 -7.35
N THR A 54 22.47 7.34 -6.60
CA THR A 54 23.19 6.13 -6.99
C THR A 54 22.63 5.59 -8.29
N ALA A 55 21.31 5.56 -8.42
CA ALA A 55 20.67 5.02 -9.61
C ALA A 55 21.02 5.81 -10.87
N VAL A 56 20.95 7.14 -10.80
CA VAL A 56 21.29 7.97 -11.96
C VAL A 56 22.73 7.74 -12.39
N GLY A 57 23.62 7.60 -11.41
CA GLY A 57 25.02 7.35 -11.68
C GLY A 57 25.26 6.05 -12.43
N LEU A 58 24.57 4.99 -12.02
CA LEU A 58 24.73 3.69 -12.65
C LEU A 58 24.11 3.65 -14.05
N MET A 59 23.14 4.53 -14.29
CA MET A 59 22.41 4.53 -15.53
C MET A 59 22.83 5.65 -16.45
N SER A 60 24.06 6.14 -16.28
CA SER A 60 24.54 7.23 -17.10
C SER A 60 25.92 6.91 -17.62
N THR A 61 26.26 7.44 -18.79
CA THR A 61 27.64 7.47 -19.22
C THR A 61 28.37 8.44 -18.30
N PRO A 62 29.68 8.27 -18.15
CA PRO A 62 30.41 9.17 -17.24
C PRO A 62 30.23 10.65 -17.57
N ASN A 63 30.07 10.99 -18.83
CA ASN A 63 29.84 12.37 -19.22
C ASN A 63 28.51 12.88 -18.70
N VAL A 64 27.46 12.10 -18.94
CA VAL A 64 26.12 12.44 -18.46
C VAL A 64 26.10 12.46 -16.92
N ALA A 65 26.79 11.52 -16.32
CA ALA A 65 26.79 11.37 -14.87
C ALA A 65 27.42 12.58 -14.17
N GLU A 66 28.56 13.04 -14.67
CA GLU A 66 29.31 14.04 -13.93
C GLU A 66 28.70 15.41 -14.14
N SER A 67 27.86 15.54 -15.16
CA SER A 67 27.05 16.73 -15.28
C SER A 67 25.94 16.75 -14.22
N TYR A 68 25.43 15.58 -13.88
CA TYR A 68 24.36 15.46 -12.90
C TYR A 68 24.88 15.52 -11.48
N GLN A 69 26.04 14.91 -11.25
CA GLN A 69 26.63 14.85 -9.92
C GLN A 69 27.20 16.18 -9.47
N SER A 70 27.31 17.11 -10.42
CA SER A 70 27.86 18.43 -10.16
C SER A 70 27.09 19.20 -9.10
N LYS A 71 25.75 19.18 -9.20
CA LYS A 71 24.89 19.91 -8.30
C LYS A 71 24.94 19.39 -6.86
N PHE A 72 25.52 18.20 -6.67
CA PHE A 72 25.51 17.55 -5.36
C PHE A 72 26.86 17.68 -4.68
N LYS A 73 27.72 18.49 -5.28
CA LYS A 73 29.13 18.62 -4.84
C LYS A 73 29.45 19.97 -4.19
N GLY A 74 30.31 19.94 -3.17
CA GLY A 74 30.59 21.10 -2.34
C GLY A 74 29.70 21.29 -1.13
N ARG A 75 29.95 22.40 -0.45
CA ARG A 75 29.22 22.81 0.72
C ARG A 75 27.77 23.14 0.37
N ASN A 76 27.53 23.51 -0.89
CA ASN A 76 26.20 23.87 -1.33
C ASN A 76 25.68 22.77 -2.26
N GLY A 77 26.02 21.52 -1.96
CA GLY A 77 25.44 20.39 -2.64
C GLY A 77 23.94 20.39 -2.35
N LEU A 78 23.16 20.02 -3.35
CA LEU A 78 21.71 20.16 -3.29
C LEU A 78 21.12 19.59 -2.01
N ASP A 79 21.53 18.38 -1.65
CA ASP A 79 20.99 17.74 -0.46
C ASP A 79 21.48 18.43 0.82
N LYS A 80 22.64 19.07 0.76
CA LYS A 80 23.15 19.75 1.93
C LYS A 80 22.43 21.06 2.15
N VAL A 81 21.92 21.65 1.08
CA VAL A 81 21.22 22.91 1.20
C VAL A 81 19.74 22.69 1.48
N LEU A 82 19.10 21.85 0.67
CA LEU A 82 17.67 21.59 0.80
C LEU A 82 17.34 20.71 2.00
N GLY A 83 18.15 19.68 2.22
CA GLY A 83 17.84 18.71 3.25
C GLY A 83 16.47 18.14 3.00
N ASP A 84 15.65 18.19 4.04
CA ASP A 84 14.28 17.71 3.98
C ASP A 84 13.30 18.86 4.02
N SER A 85 13.76 20.06 3.64
CA SER A 85 12.90 21.23 3.69
C SER A 85 11.83 21.23 2.61
N GLU A 86 12.10 20.58 1.49
CA GLU A 86 11.18 20.64 0.35
C GLU A 86 11.25 19.33 -0.39
N THR A 87 10.29 19.11 -1.27
CA THR A 87 10.25 17.89 -2.06
C THR A 87 9.70 18.15 -3.48
N THR A 88 10.13 17.34 -4.44
CA THR A 88 9.59 17.44 -5.81
C THR A 88 9.25 16.08 -6.39
N ARG A 89 7.98 15.89 -6.75
CA ARG A 89 7.54 14.64 -7.33
C ARG A 89 7.36 14.75 -8.86
N VAL A 90 7.51 13.63 -9.54
CA VAL A 90 7.41 13.56 -11.00
C VAL A 90 6.19 12.80 -11.49
N LYS A 91 5.54 13.36 -12.50
CA LYS A 91 4.48 12.69 -13.24
C LYS A 91 4.88 12.55 -14.71
N ILE A 92 5.04 11.32 -15.18
CA ILE A 92 5.31 11.08 -16.59
C ILE A 92 4.01 11.23 -17.40
N ASN A 93 4.04 12.07 -18.43
CA ASN A 93 2.83 12.31 -19.21
C ASN A 93 2.79 11.54 -20.54
N SER A 94 3.95 11.44 -21.21
CA SER A 94 4.02 10.70 -22.46
C SER A 94 5.46 10.34 -22.78
N VAL A 95 5.64 9.23 -23.50
CA VAL A 95 6.96 8.76 -23.92
C VAL A 95 6.95 8.39 -25.39
N ILE A 96 7.82 9.03 -26.16
CA ILE A 96 7.92 8.71 -27.57
C ILE A 96 9.29 8.08 -27.85
N LEU A 97 9.29 6.86 -28.38
CA LEU A 97 10.51 6.11 -28.62
C LEU A 97 10.95 6.15 -30.06
N ASP A 98 12.25 6.28 -30.24
CA ASP A 98 12.88 6.03 -31.52
C ASP A 98 13.94 4.96 -31.27
N LYS A 99 13.48 3.71 -31.23
CA LYS A 99 14.32 2.61 -30.79
C LYS A 99 15.58 2.34 -31.63
N PRO A 100 15.52 2.46 -32.96
CA PRO A 100 16.76 2.23 -33.71
C PRO A 100 17.88 3.21 -33.40
N HIS A 101 17.56 4.39 -32.92
CA HIS A 101 18.59 5.39 -32.71
C HIS A 101 18.86 5.65 -31.25
N GLY A 102 18.15 4.95 -30.37
CA GLY A 102 18.32 5.13 -28.96
C GLY A 102 17.99 6.55 -28.53
N VAL A 103 16.95 7.11 -29.10
CA VAL A 103 16.51 8.46 -28.76
C VAL A 103 15.07 8.39 -28.26
N ALA A 104 14.78 9.11 -27.18
CA ALA A 104 13.45 9.12 -26.61
C ALA A 104 13.06 10.54 -26.18
N THR A 105 11.77 10.83 -26.28
CA THR A 105 11.24 12.10 -25.85
C THR A 105 10.24 11.87 -24.74
N ILE A 106 10.50 12.45 -23.58
CA ILE A 106 9.63 12.23 -22.44
C ILE A 106 9.04 13.54 -21.92
N ARG A 107 7.72 13.63 -21.91
CA ARG A 107 7.05 14.80 -21.35
C ARG A 107 6.58 14.51 -19.95
N PHE A 108 6.96 15.37 -19.02
CA PHE A 108 6.67 15.11 -17.63
C PHE A 108 6.35 16.37 -16.83
N THR A 109 5.73 16.15 -15.68
CA THR A 109 5.28 17.21 -14.83
C THR A 109 5.89 17.07 -13.45
N THR A 110 6.41 18.17 -12.92
CA THR A 110 6.91 18.19 -11.55
C THR A 110 5.99 19.01 -10.66
N VAL A 111 5.78 18.52 -9.45
CA VAL A 111 5.04 19.25 -8.43
C VAL A 111 5.95 19.44 -7.22
N ARG A 112 6.39 20.67 -7.01
CA ARG A 112 7.29 20.95 -5.89
C ARG A 112 6.49 21.34 -4.64
N ARG A 113 6.96 20.93 -3.48
CA ARG A 113 6.29 21.30 -2.27
C ARG A 113 7.28 21.75 -1.20
N VAL A 114 7.13 22.99 -0.76
CA VAL A 114 7.95 23.54 0.31
C VAL A 114 7.25 23.19 1.62
N ARG A 115 7.94 22.55 2.54
CA ARG A 115 7.31 22.05 3.77
C ARG A 115 6.77 23.19 4.65
N SER A 116 7.36 24.37 4.55
CA SER A 116 6.87 25.52 5.32
C SER A 116 5.49 25.93 4.83
N ASN A 117 5.24 25.85 3.51
CA ASN A 117 3.93 26.18 2.93
C ASN A 117 2.85 25.12 3.20
N PRO A 118 1.57 25.54 3.18
CA PRO A 118 0.46 24.59 3.37
C PRO A 118 0.03 23.86 2.08
N VAL A 119 0.25 24.48 0.93
CA VAL A 119 -0.10 23.90 -0.37
C VAL A 119 1.15 23.55 -1.19
N ASP A 120 0.99 22.63 -2.14
CA ASP A 120 2.04 22.34 -3.13
C ASP A 120 2.20 23.53 -4.05
N ASP A 121 3.37 23.70 -4.66
CA ASP A 121 3.52 24.73 -5.70
C ASP A 121 2.72 24.33 -6.95
N GLN A 122 2.68 25.22 -7.93
CA GLN A 122 2.01 24.98 -9.19
C GLN A 122 2.86 24.07 -10.09
N PRO A 123 2.20 23.14 -10.81
CA PRO A 123 2.88 22.19 -11.68
C PRO A 123 3.72 22.87 -12.77
N GLN A 124 4.84 22.24 -13.12
CA GLN A 124 5.68 22.69 -14.22
C GLN A 124 5.83 21.56 -15.22
N ARG A 125 5.71 21.85 -16.51
CA ARG A 125 5.76 20.79 -17.52
C ARG A 125 7.06 20.86 -18.31
N TRP A 126 7.66 19.70 -18.56
CA TRP A 126 8.96 19.66 -19.21
C TRP A 126 9.06 18.65 -20.35
N ILE A 127 10.06 18.83 -21.20
CA ILE A 127 10.39 17.84 -22.23
C ILE A 127 11.81 17.36 -22.03
N ALA A 128 11.98 16.05 -21.92
CA ALA A 128 13.31 15.46 -21.81
C ALA A 128 13.68 14.72 -23.10
N ILE A 129 14.72 15.20 -23.77
CA ILE A 129 15.27 14.52 -24.94
C ILE A 129 16.45 13.65 -24.52
N MET A 130 16.32 12.34 -24.69
CA MET A 130 17.29 11.43 -24.12
C MET A 130 17.94 10.53 -25.16
N GLY A 131 19.22 10.26 -24.99
CA GLY A 131 19.89 9.24 -25.75
C GLY A 131 20.15 8.07 -24.83
N TYR A 132 19.93 6.85 -25.30
CA TYR A 132 20.13 5.68 -24.46
C TYR A 132 20.65 4.46 -25.22
N GLU A 133 21.21 3.53 -24.45
CA GLU A 133 21.78 2.29 -24.97
C GLU A 133 21.93 1.30 -23.81
N TYR A 134 22.13 0.02 -24.12
CA TYR A 134 22.42 -0.94 -23.07
C TYR A 134 23.84 -1.43 -23.25
N LYS A 135 24.58 -1.52 -22.15
CA LYS A 135 25.96 -2.01 -22.19
C LYS A 135 26.23 -3.06 -21.14
N SER A 136 26.71 -4.21 -21.58
CA SER A 136 27.30 -5.16 -20.64
C SER A 136 28.65 -4.61 -20.16
N LEU A 137 28.74 -4.29 -18.88
CA LEU A 137 30.02 -3.88 -18.33
C LEU A 137 30.28 -4.68 -17.08
N ALA A 138 31.52 -4.63 -16.59
CA ALA A 138 31.85 -5.28 -15.34
C ALA A 138 30.93 -4.72 -14.27
N MET A 139 30.02 -5.53 -13.76
CA MET A 139 29.09 -5.08 -12.76
C MET A 139 29.14 -5.92 -11.49
N ASN A 140 28.81 -5.30 -10.36
CA ASN A 140 28.80 -5.99 -9.07
C ASN A 140 27.37 -6.27 -8.67
N ALA A 141 27.20 -6.96 -7.54
CA ALA A 141 25.88 -7.37 -7.06
C ALA A 141 24.93 -6.21 -6.77
N GLU A 142 25.47 -5.09 -6.34
CA GLU A 142 24.65 -3.98 -5.89
C GLU A 142 24.17 -3.17 -7.09
N GLN A 143 25.00 -3.10 -8.12
CA GLN A 143 24.63 -2.50 -9.39
C GLN A 143 23.68 -3.40 -10.17
N ARG A 144 23.96 -4.70 -10.12
CA ARG A 144 23.13 -5.72 -10.74
C ARG A 144 21.68 -5.68 -10.24
N TYR A 145 21.50 -5.28 -8.99
CA TYR A 145 20.20 -5.25 -8.36
C TYR A 145 19.48 -3.94 -8.67
N VAL A 146 20.17 -3.05 -9.39
CA VAL A 146 19.66 -1.72 -9.69
C VAL A 146 19.56 -1.51 -11.19
N ASN A 147 20.60 -1.93 -11.90
CA ASN A 147 20.69 -1.75 -13.34
C ASN A 147 21.15 -3.04 -14.03
N PRO A 148 20.31 -4.09 -13.98
CA PRO A 148 20.72 -5.44 -14.42
C PRO A 148 21.05 -5.55 -15.89
N LEU A 149 20.38 -4.76 -16.73
CA LEU A 149 20.59 -4.83 -18.17
C LEU A 149 21.63 -3.82 -18.62
N GLY A 150 22.22 -3.11 -17.67
CA GLY A 150 23.24 -2.14 -17.98
C GLY A 150 22.71 -0.99 -18.81
N PHE A 151 21.47 -0.60 -18.55
CA PHE A 151 20.88 0.55 -19.21
C PHE A 151 21.67 1.79 -18.90
N ARG A 152 21.87 2.64 -19.90
CA ARG A 152 22.50 3.90 -19.62
C ARG A 152 22.06 4.98 -20.58
N VAL A 153 21.94 6.20 -20.05
CA VAL A 153 21.57 7.37 -20.79
C VAL A 153 22.84 8.02 -21.34
N THR A 154 22.83 8.31 -22.64
CA THR A 154 24.01 8.80 -23.34
C THR A 154 23.97 10.30 -23.63
N SER A 155 22.78 10.87 -23.59
CA SER A 155 22.63 12.31 -23.65
C SER A 155 21.34 12.70 -22.96
N TYR A 156 21.30 13.88 -22.37
CA TYR A 156 20.16 14.26 -21.57
C TYR A 156 20.01 15.77 -21.50
N ARG A 157 18.90 16.26 -22.03
CA ARG A 157 18.61 17.66 -21.92
C ARG A 157 17.12 17.87 -21.71
N VAL A 158 16.81 18.76 -20.79
CA VAL A 158 15.44 19.06 -20.42
C VAL A 158 15.15 20.50 -20.77
N ASN A 159 13.95 20.74 -21.27
CA ASN A 159 13.48 22.08 -21.59
C ASN A 159 12.05 22.19 -21.15
N PRO A 160 11.61 23.42 -20.85
CA PRO A 160 10.22 23.60 -20.46
C PRO A 160 9.29 23.35 -21.63
N GLU A 161 8.00 23.18 -21.39
CA GLU A 161 7.00 22.95 -22.43
C GLU A 161 6.31 24.26 -22.79
N ARG B 20 1.92 14.02 25.59
CA ARG B 20 3.25 14.30 25.06
C ARG B 20 3.20 14.77 23.62
N ASP B 21 4.04 15.76 23.28
CA ASP B 21 4.15 16.24 21.90
C ASP B 21 5.04 15.35 21.03
N GLN B 22 4.43 14.55 20.16
CA GLN B 22 5.18 13.79 19.16
C GLN B 22 4.36 13.71 17.89
N THR B 23 5.04 13.75 16.75
CA THR B 23 4.34 13.55 15.50
C THR B 23 3.68 12.18 15.37
N SER B 24 4.36 11.10 15.78
CA SER B 24 3.79 9.77 15.58
C SER B 24 3.85 8.87 16.79
N TYR B 25 3.05 7.81 16.75
CA TYR B 25 3.03 6.80 17.79
C TYR B 25 3.25 5.43 17.19
N GLY B 26 3.71 5.38 15.95
CA GLY B 26 3.88 4.09 15.31
C GLY B 26 2.75 3.73 14.36
N ASP B 27 3.01 2.77 13.47
CA ASP B 27 2.06 2.41 12.42
C ASP B 27 0.67 2.06 12.95
N GLU B 28 0.58 1.14 13.90
CA GLU B 28 -0.73 0.65 14.31
C GLU B 28 -1.53 1.67 15.13
N ILE B 29 -0.86 2.45 15.94
CA ILE B 29 -1.55 3.45 16.74
C ILE B 29 -2.02 4.62 15.85
N ASP B 30 -1.15 5.09 14.98
CA ASP B 30 -1.50 6.16 14.05
C ASP B 30 -2.71 5.75 13.23
N LYS B 31 -2.68 4.54 12.68
CA LYS B 31 -3.77 4.09 11.83
C LYS B 31 -5.06 4.06 12.62
N PHE B 32 -4.98 3.71 13.89
CA PHE B 32 -6.19 3.67 14.70
C PHE B 32 -6.86 5.02 14.84
N TRP B 33 -6.12 6.05 15.27
CA TRP B 33 -6.71 7.36 15.47
C TRP B 33 -7.16 7.97 14.15
N LEU B 34 -6.38 7.73 13.10
CA LEU B 34 -6.72 8.29 11.80
C LEU B 34 -7.98 7.67 11.25
N THR B 35 -8.13 6.36 11.38
CA THR B 35 -9.32 5.70 10.88
C THR B 35 -10.49 6.12 11.76
N GLN B 36 -10.25 6.25 13.05
CA GLN B 36 -11.29 6.73 13.95
C GLN B 36 -11.73 8.14 13.55
N TYR B 37 -10.79 8.96 13.11
CA TYR B 37 -11.12 10.31 12.71
C TYR B 37 -12.03 10.32 11.49
N VAL B 38 -11.64 9.59 10.45
CA VAL B 38 -12.43 9.51 9.24
C VAL B 38 -13.81 8.92 9.50
N ILE B 39 -13.85 7.88 10.33
CA ILE B 39 -15.13 7.26 10.68
C ILE B 39 -16.04 8.25 11.39
N HIS B 40 -15.49 9.01 12.33
CA HIS B 40 -16.25 10.03 13.07
C HIS B 40 -16.72 11.17 12.17
N ARG B 41 -15.85 11.60 11.26
CA ARG B 41 -16.15 12.79 10.49
C ARG B 41 -16.99 12.50 9.25
N GLU B 42 -16.76 11.36 8.61
CA GLU B 42 -17.41 11.09 7.34
C GLU B 42 -18.67 10.26 7.49
N SER B 43 -18.90 9.69 8.66
CA SER B 43 -20.16 9.00 8.88
C SER B 43 -21.26 10.00 9.18
N TYR B 44 -22.50 9.59 8.96
CA TYR B 44 -23.62 10.33 9.52
C TYR B 44 -24.65 9.39 10.13
N ASP B 45 -24.83 9.52 11.44
CA ASP B 45 -25.91 8.86 12.14
C ASP B 45 -26.43 9.82 13.21
N PHE B 46 -27.71 10.16 13.14
CA PHE B 46 -28.27 11.15 14.06
C PHE B 46 -28.10 10.68 15.50
N TYR B 47 -28.14 9.38 15.70
CA TYR B 47 -28.07 8.88 17.07
C TYR B 47 -26.68 8.95 17.65
N SER B 48 -25.68 9.24 16.83
CA SER B 48 -24.33 9.40 17.37
C SER B 48 -23.62 10.68 16.91
N VAL B 49 -24.33 11.56 16.21
CA VAL B 49 -23.67 12.72 15.61
C VAL B 49 -23.10 13.67 16.67
N GLN B 50 -23.71 13.69 17.85
CA GLN B 50 -23.20 14.57 18.90
C GLN B 50 -21.85 14.05 19.42
N VAL B 51 -21.75 12.75 19.56
CA VAL B 51 -20.51 12.12 19.99
C VAL B 51 -19.45 12.31 18.90
N ASP B 52 -19.85 12.09 17.65
CA ASP B 52 -18.93 12.22 16.53
C ASP B 52 -18.41 13.64 16.38
N TYR B 53 -19.32 14.60 16.48
CA TYR B 53 -19.00 16.02 16.40
C TYR B 53 -18.03 16.42 17.48
N THR B 54 -18.30 15.94 18.68
CA THR B 54 -17.46 16.21 19.82
C THR B 54 -16.06 15.63 19.62
N ALA B 55 -16.00 14.39 19.14
CA ALA B 55 -14.73 13.71 18.92
C ALA B 55 -13.89 14.43 17.87
N VAL B 56 -14.50 14.78 16.75
CA VAL B 56 -13.79 15.46 15.67
C VAL B 56 -13.24 16.78 16.18
N GLY B 57 -14.00 17.43 17.05
CA GLY B 57 -13.55 18.67 17.66
C GLY B 57 -12.29 18.50 18.47
N LEU B 58 -12.23 17.44 19.29
CA LEU B 58 -11.06 17.20 20.14
C LEU B 58 -9.85 16.75 19.34
N MET B 59 -10.09 16.19 18.16
CA MET B 59 -9.03 15.60 17.37
C MET B 59 -8.63 16.46 16.20
N SER B 60 -8.89 17.76 16.32
CA SER B 60 -8.57 18.69 15.25
C SER B 60 -7.85 19.91 15.81
N THR B 61 -7.02 20.53 14.99
CA THR B 61 -6.54 21.86 15.29
C THR B 61 -7.74 22.79 15.13
N PRO B 62 -7.73 23.94 15.84
CA PRO B 62 -8.88 24.85 15.75
C PRO B 62 -9.21 25.27 14.32
N ASN B 63 -8.21 25.38 13.45
CA ASN B 63 -8.46 25.71 12.05
C ASN B 63 -9.23 24.59 11.35
N VAL B 64 -8.77 23.35 11.55
CA VAL B 64 -9.42 22.19 10.98
C VAL B 64 -10.81 22.01 11.58
N ALA B 65 -10.92 22.22 12.88
CA ALA B 65 -12.18 22.02 13.58
C ALA B 65 -13.23 23.01 13.08
N GLU B 66 -12.83 24.27 12.92
CA GLU B 66 -13.79 25.31 12.65
C GLU B 66 -14.23 25.26 11.21
N SER B 67 -13.38 24.72 10.37
CA SER B 67 -13.78 24.46 8.99
C SER B 67 -14.82 23.34 8.96
N TYR B 68 -14.73 22.42 9.91
CA TYR B 68 -15.65 21.30 10.01
C TYR B 68 -16.97 21.67 10.69
N GLN B 69 -16.88 22.52 11.71
CA GLN B 69 -18.04 22.91 12.48
C GLN B 69 -18.95 23.88 11.75
N SER B 70 -18.46 24.42 10.63
CA SER B 70 -19.24 25.32 9.81
C SER B 70 -20.52 24.63 9.34
N LYS B 71 -20.38 23.38 8.95
CA LYS B 71 -21.46 22.62 8.37
C LYS B 71 -22.63 22.43 9.33
N PHE B 72 -22.38 22.65 10.61
CA PHE B 72 -23.37 22.36 11.64
C PHE B 72 -23.99 23.63 12.21
N LYS B 73 -23.77 24.76 11.55
CA LYS B 73 -24.25 26.02 12.09
C LYS B 73 -25.35 26.60 11.24
N GLY B 74 -26.05 27.57 11.79
CA GLY B 74 -27.20 28.15 11.14
C GLY B 74 -28.44 27.28 11.17
N ARG B 75 -29.49 27.79 10.54
CA ARG B 75 -30.76 27.11 10.49
C ARG B 75 -30.63 25.84 9.65
N ASN B 76 -29.67 25.85 8.74
CA ASN B 76 -29.46 24.74 7.84
C ASN B 76 -28.21 23.98 8.21
N GLY B 77 -27.97 23.85 9.51
CA GLY B 77 -26.93 22.97 10.03
C GLY B 77 -27.31 21.55 9.65
N LEU B 78 -26.30 20.75 9.33
CA LEU B 78 -26.52 19.42 8.77
C LEU B 78 -27.48 18.56 9.58
N ASP B 79 -27.28 18.48 10.89
CA ASP B 79 -28.14 17.64 11.70
C ASP B 79 -29.56 18.19 11.82
N LYS B 80 -29.70 19.51 11.69
CA LYS B 80 -31.01 20.15 11.76
C LYS B 80 -31.76 20.00 10.45
N VAL B 81 -31.03 19.77 9.37
CA VAL B 81 -31.67 19.56 8.09
C VAL B 81 -31.99 18.09 7.89
N LEU B 82 -30.99 17.24 8.11
CA LEU B 82 -31.14 15.80 7.88
C LEU B 82 -31.97 15.12 8.93
N GLY B 83 -31.76 15.50 10.19
CA GLY B 83 -32.38 14.78 11.30
C GLY B 83 -31.99 13.31 11.28
N ASP B 84 -32.99 12.45 11.36
CA ASP B 84 -32.76 11.02 11.32
C ASP B 84 -33.29 10.45 10.02
N SER B 85 -33.40 11.30 9.01
CA SER B 85 -33.96 10.89 7.72
C SER B 85 -33.05 9.93 6.96
N GLU B 86 -31.75 10.01 7.20
CA GLU B 86 -30.77 9.24 6.44
C GLU B 86 -29.54 8.88 7.27
N THR B 87 -28.73 7.96 6.74
CA THR B 87 -27.48 7.57 7.37
C THR B 87 -26.39 7.32 6.35
N THR B 88 -25.15 7.54 6.78
CA THR B 88 -23.99 7.23 5.98
C THR B 88 -22.96 6.48 6.81
N ARG B 89 -22.67 5.25 6.43
CA ARG B 89 -21.66 4.46 7.14
C ARG B 89 -20.33 4.43 6.35
N VAL B 90 -19.24 4.24 7.07
CA VAL B 90 -17.90 4.25 6.47
C VAL B 90 -17.18 2.91 6.52
N LYS B 91 -16.55 2.57 5.40
CA LYS B 91 -15.65 1.43 5.31
C LYS B 91 -14.25 1.90 4.94
N ILE B 92 -13.29 1.67 5.83
CA ILE B 92 -11.88 1.91 5.53
C ILE B 92 -11.30 0.82 4.62
N ASN B 93 -10.69 1.23 3.52
CA ASN B 93 -10.12 0.29 2.56
C ASN B 93 -8.61 0.17 2.70
N SER B 94 -7.92 1.30 2.88
CA SER B 94 -6.49 1.26 3.07
C SER B 94 -5.99 2.55 3.69
N VAL B 95 -4.88 2.43 4.42
CA VAL B 95 -4.22 3.56 5.05
C VAL B 95 -2.73 3.51 4.75
N ILE B 96 -2.21 4.58 4.18
CA ILE B 96 -0.79 4.72 3.90
C ILE B 96 -0.18 5.83 4.75
N LEU B 97 0.83 5.50 5.54
CA LEU B 97 1.43 6.45 6.49
C LEU B 97 2.75 7.03 6.03
N ASP B 98 2.94 8.31 6.34
CA ASP B 98 4.25 8.95 6.25
C ASP B 98 4.53 9.52 7.65
N LYS B 99 5.00 8.66 8.53
CA LYS B 99 5.14 8.98 9.94
C LYS B 99 6.08 10.14 10.26
N PRO B 100 7.22 10.26 9.56
CA PRO B 100 8.07 11.41 9.88
C PRO B 100 7.45 12.78 9.62
N HIS B 101 6.48 12.85 8.71
CA HIS B 101 5.92 14.15 8.33
C HIS B 101 4.49 14.34 8.80
N GLY B 102 3.95 13.34 9.49
CA GLY B 102 2.59 13.39 9.96
C GLY B 102 1.59 13.49 8.82
N VAL B 103 1.84 12.75 7.75
CA VAL B 103 0.97 12.77 6.59
C VAL B 103 0.41 11.39 6.31
N ALA B 104 -0.89 11.31 6.04
CA ALA B 104 -1.54 10.04 5.79
C ALA B 104 -2.49 10.15 4.61
N THR B 105 -2.56 9.07 3.84
CA THR B 105 -3.52 8.99 2.75
C THR B 105 -4.44 7.81 3.02
N ILE B 106 -5.73 8.10 3.15
CA ILE B 106 -6.71 7.09 3.51
C ILE B 106 -7.80 6.96 2.45
N ARG B 107 -7.93 5.74 1.95
CA ARG B 107 -8.96 5.41 1.00
C ARG B 107 -10.10 4.76 1.71
N PHE B 108 -11.30 5.27 1.48
CA PHE B 108 -12.45 4.75 2.17
C PHE B 108 -13.70 4.81 1.29
N THR B 109 -14.71 4.07 1.73
CA THR B 109 -15.96 3.95 1.01
C THR B 109 -17.12 4.39 1.88
N THR B 110 -18.04 5.17 1.30
CA THR B 110 -19.26 5.54 1.98
C THR B 110 -20.49 4.86 1.36
N VAL B 111 -21.37 4.36 2.21
CA VAL B 111 -22.66 3.81 1.78
C VAL B 111 -23.79 4.57 2.49
N ARG B 112 -24.52 5.39 1.73
CA ARG B 112 -25.61 6.19 2.29
C ARG B 112 -26.96 5.51 2.27
N ARG B 113 -27.77 5.74 3.29
CA ARG B 113 -29.10 5.14 3.28
C ARG B 113 -30.21 6.12 3.71
N VAL B 114 -31.16 6.35 2.81
CA VAL B 114 -32.32 7.18 3.08
C VAL B 114 -33.39 6.30 3.67
N ARG B 115 -33.92 6.64 4.84
CA ARG B 115 -34.87 5.75 5.51
C ARG B 115 -36.15 5.57 4.70
N SER B 116 -36.51 6.56 3.88
CA SER B 116 -37.69 6.44 3.02
C SER B 116 -37.46 5.37 1.95
N ASN B 117 -36.24 5.27 1.43
CA ASN B 117 -35.91 4.25 0.44
C ASN B 117 -35.82 2.86 1.06
N PRO B 118 -36.05 1.80 0.26
CA PRO B 118 -35.94 0.44 0.79
C PRO B 118 -34.53 -0.13 0.76
N VAL B 119 -33.72 0.33 -0.17
CA VAL B 119 -32.34 -0.12 -0.33
C VAL B 119 -31.34 0.97 -0.01
N ASP B 120 -30.12 0.58 0.32
CA ASP B 120 -29.03 1.54 0.47
C ASP B 120 -28.70 2.12 -0.90
N ASP B 121 -28.14 3.33 -0.91
CA ASP B 121 -27.61 3.91 -2.14
C ASP B 121 -26.36 3.16 -2.60
N GLN B 122 -25.83 3.54 -3.75
CA GLN B 122 -24.64 2.94 -4.28
C GLN B 122 -23.40 3.50 -3.57
N PRO B 123 -22.43 2.62 -3.26
CA PRO B 123 -21.22 3.02 -2.54
C PRO B 123 -20.45 4.09 -3.30
N GLN B 124 -19.78 4.96 -2.55
CA GLN B 124 -18.93 5.99 -3.13
C GLN B 124 -17.51 5.89 -2.54
N ARG B 125 -16.50 6.00 -3.38
CA ARG B 125 -15.12 5.82 -2.91
C ARG B 125 -14.35 7.13 -2.84
N TRP B 126 -13.58 7.30 -1.76
CA TRP B 126 -12.88 8.56 -1.52
C TRP B 126 -11.41 8.43 -1.13
N ILE B 127 -10.68 9.52 -1.27
CA ILE B 127 -9.31 9.64 -0.78
C ILE B 127 -9.21 10.78 0.21
N ALA B 128 -8.72 10.49 1.41
CA ALA B 128 -8.49 11.52 2.42
C ALA B 128 -6.99 11.74 2.65
N ILE B 129 -6.52 12.94 2.30
CA ILE B 129 -5.15 13.35 2.55
C ILE B 129 -5.06 14.11 3.87
N MET B 130 -4.35 13.55 4.84
CA MET B 130 -4.41 14.08 6.19
C MET B 130 -3.05 14.45 6.75
N GLY B 131 -3.02 15.54 7.51
CA GLY B 131 -1.87 15.89 8.31
C GLY B 131 -2.28 15.63 9.75
N TYR B 132 -1.38 15.06 10.54
CA TYR B 132 -1.70 14.75 11.94
C TYR B 132 -0.49 14.87 12.87
N GLU B 133 -0.78 14.96 14.17
CA GLU B 133 0.23 15.15 15.20
C GLU B 133 -0.35 14.82 16.58
N TYR B 134 0.52 14.65 17.57
CA TYR B 134 0.06 14.52 18.94
C TYR B 134 0.52 15.72 19.79
N LYS B 135 -0.38 16.27 20.59
CA LYS B 135 -0.03 17.37 21.49
C LYS B 135 -0.50 17.12 22.92
N SER B 136 0.42 17.20 23.87
CA SER B 136 -0.02 17.27 25.26
C SER B 136 -0.64 18.63 25.48
N LEU B 137 -1.93 18.67 25.78
CA LEU B 137 -2.57 19.93 26.12
C LEU B 137 -3.37 19.77 27.41
N ALA B 138 -3.80 20.90 27.98
CA ALA B 138 -4.64 20.86 29.17
C ALA B 138 -5.88 20.05 28.82
N MET B 139 -6.03 18.91 29.48
CA MET B 139 -7.13 18.01 29.18
C MET B 139 -7.92 17.63 30.43
N ASN B 140 -9.16 17.21 30.26
CA ASN B 140 -10.03 16.85 31.39
C ASN B 140 -10.59 15.46 31.18
N ALA B 141 -11.26 14.93 32.20
CA ALA B 141 -11.59 13.52 32.25
C ALA B 141 -12.44 13.01 31.09
N GLU B 142 -13.35 13.83 30.57
CA GLU B 142 -14.23 13.32 29.54
C GLU B 142 -13.50 13.43 28.20
N GLN B 143 -12.62 14.43 28.08
CA GLN B 143 -11.77 14.51 26.91
C GLN B 143 -10.68 13.43 26.91
N ARG B 144 -10.10 13.19 28.08
CA ARG B 144 -9.10 12.14 28.29
C ARG B 144 -9.63 10.78 27.90
N TYR B 145 -10.94 10.63 28.06
CA TYR B 145 -11.61 9.36 27.85
C TYR B 145 -11.88 9.18 26.36
N VAL B 146 -11.54 10.19 25.58
CA VAL B 146 -11.82 10.19 24.15
C VAL B 146 -10.53 10.30 23.35
N ASN B 147 -9.64 11.18 23.79
CA ASN B 147 -8.41 11.45 23.08
C ASN B 147 -7.23 11.48 24.06
N PRO B 148 -6.92 10.33 24.68
CA PRO B 148 -5.96 10.25 25.79
C PRO B 148 -4.55 10.67 25.41
N LEU B 149 -4.16 10.44 24.16
CA LEU B 149 -2.83 10.75 23.68
C LEU B 149 -2.77 12.12 23.03
N GLY B 150 -3.89 12.84 23.06
CA GLY B 150 -3.95 14.17 22.49
C GLY B 150 -3.70 14.20 21.00
N PHE B 151 -4.17 13.17 20.31
CA PHE B 151 -4.09 13.12 18.85
C PHE B 151 -4.85 14.26 18.20
N ARG B 152 -4.30 14.83 17.14
CA ARG B 152 -5.07 15.83 16.41
C ARG B 152 -4.68 15.93 14.93
N VAL B 153 -5.67 16.21 14.09
CA VAL B 153 -5.52 16.38 12.66
C VAL B 153 -5.20 17.83 12.33
N THR B 154 -4.16 18.04 11.53
CA THR B 154 -3.66 19.38 11.24
C THR B 154 -4.03 19.88 9.86
N SER B 155 -4.37 18.96 8.96
CA SER B 155 -4.93 19.32 7.66
C SER B 155 -5.81 18.15 7.20
N TYR B 156 -6.83 18.46 6.43
CA TYR B 156 -7.79 17.45 6.03
C TYR B 156 -8.48 17.84 4.74
N ARG B 157 -8.31 17.01 3.72
CA ARG B 157 -9.01 17.19 2.45
C ARG B 157 -9.41 15.85 1.84
N VAL B 158 -10.65 15.81 1.33
CA VAL B 158 -11.20 14.63 0.71
C VAL B 158 -11.50 14.87 -0.77
N ASN B 159 -11.19 13.89 -1.59
CA ASN B 159 -11.49 13.91 -3.00
C ASN B 159 -11.94 12.54 -3.47
N PRO B 160 -12.75 12.50 -4.54
CA PRO B 160 -13.24 11.21 -5.05
C PRO B 160 -12.13 10.38 -5.65
N GLU B 161 -12.39 9.09 -5.90
CA GLU B 161 -11.40 8.20 -6.49
C GLU B 161 -11.61 8.05 -7.99
N TYR C 25 -11.62 3.60 29.15
CA TYR C 25 -11.18 4.64 28.21
C TYR C 25 -12.13 4.84 27.06
N GLY C 26 -13.29 4.19 27.10
CA GLY C 26 -14.22 4.32 26.00
C GLY C 26 -14.15 3.10 25.14
N ASP C 27 -15.26 2.76 24.50
CA ASP C 27 -15.40 1.48 23.84
C ASP C 27 -14.35 1.22 22.74
N GLU C 28 -14.21 2.16 21.82
CA GLU C 28 -13.39 1.95 20.63
C GLU C 28 -11.91 1.82 20.97
N ILE C 29 -11.46 2.50 22.01
CA ILE C 29 -10.08 2.38 22.43
C ILE C 29 -9.86 0.99 23.03
N ASP C 30 -10.78 0.56 23.88
CA ASP C 30 -10.71 -0.77 24.48
C ASP C 30 -10.65 -1.82 23.37
N LYS C 31 -11.56 -1.71 22.40
CA LYS C 31 -11.64 -2.70 21.34
C LYS C 31 -10.35 -2.77 20.54
N PHE C 32 -9.71 -1.62 20.36
CA PHE C 32 -8.49 -1.59 19.59
C PHE C 32 -7.38 -2.42 20.26
N TRP C 33 -7.10 -2.16 21.53
CA TRP C 33 -6.04 -2.87 22.22
C TRP C 33 -6.36 -4.35 22.36
N LEU C 34 -7.63 -4.64 22.61
CA LEU C 34 -8.05 -6.02 22.80
C LEU C 34 -7.89 -6.81 21.50
N THR C 35 -8.28 -6.19 20.39
CA THR C 35 -8.15 -6.86 19.12
C THR C 35 -6.68 -6.95 18.76
N GLN C 36 -5.91 -5.92 19.09
CA GLN C 36 -4.47 -5.95 18.85
C GLN C 36 -3.81 -7.10 19.61
N TYR C 37 -4.29 -7.37 20.81
CA TYR C 37 -3.72 -8.43 21.63
C TYR C 37 -3.94 -9.78 20.95
N VAL C 38 -5.17 -10.04 20.56
CA VAL C 38 -5.51 -11.29 19.90
C VAL C 38 -4.72 -11.42 18.60
N ILE C 39 -4.60 -10.33 17.86
CA ILE C 39 -3.84 -10.35 16.63
C ILE C 39 -2.38 -10.68 16.92
N HIS C 40 -1.81 -10.08 17.95
CA HIS C 40 -0.42 -10.35 18.30
C HIS C 40 -0.23 -11.76 18.80
N ARG C 41 -1.20 -12.24 19.57
CA ARG C 41 -1.04 -13.51 20.25
C ARG C 41 -1.41 -14.70 19.37
N GLU C 42 -2.41 -14.54 18.51
CA GLU C 42 -2.87 -15.69 17.73
C GLU C 42 -2.27 -15.79 16.32
N SER C 43 -1.55 -14.76 15.89
CA SER C 43 -0.88 -14.84 14.59
C SER C 43 0.44 -15.58 14.68
N TYR C 44 0.89 -16.09 13.53
CA TYR C 44 2.26 -16.54 13.40
C TYR C 44 2.87 -16.06 12.10
N ASP C 45 3.89 -15.24 12.24
CA ASP C 45 4.68 -14.79 11.11
C ASP C 45 6.14 -14.70 11.53
N PHE C 46 7.00 -15.44 10.84
CA PHE C 46 8.40 -15.53 11.22
C PHE C 46 9.08 -14.17 11.28
N TYR C 47 8.69 -13.27 10.37
CA TYR C 47 9.34 -11.97 10.30
C TYR C 47 8.81 -10.97 11.33
N SER C 48 7.72 -11.30 12.01
CA SER C 48 7.19 -10.39 13.01
C SER C 48 6.98 -11.07 14.36
N VAL C 49 7.43 -12.30 14.47
CA VAL C 49 7.17 -13.09 15.65
C VAL C 49 7.89 -12.51 16.88
N GLN C 50 9.02 -11.85 16.66
CA GLN C 50 9.75 -11.22 17.74
C GLN C 50 8.98 -9.99 18.26
N VAL C 51 8.40 -9.23 17.33
CA VAL C 51 7.61 -8.05 17.66
C VAL C 51 6.33 -8.44 18.41
N ASP C 52 5.64 -9.46 17.91
CA ASP C 52 4.40 -9.92 18.52
C ASP C 52 4.63 -10.44 19.91
N TYR C 53 5.70 -11.21 20.06
CA TYR C 53 6.12 -11.79 21.32
C TYR C 53 6.36 -10.72 22.38
N THR C 54 7.09 -9.69 21.97
CA THR C 54 7.39 -8.56 22.85
C THR C 54 6.08 -7.88 23.23
N ALA C 55 5.22 -7.70 22.24
CA ALA C 55 3.95 -7.04 22.44
C ALA C 55 3.09 -7.82 23.44
N VAL C 56 3.01 -9.13 23.27
CA VAL C 56 2.19 -9.93 24.17
C VAL C 56 2.68 -9.81 25.61
N GLY C 57 3.99 -9.78 25.76
CA GLY C 57 4.61 -9.63 27.07
C GLY C 57 4.23 -8.33 27.73
N LEU C 58 4.25 -7.24 26.96
CA LEU C 58 3.94 -5.92 27.52
C LEU C 58 2.46 -5.73 27.84
N MET C 59 1.58 -6.48 27.18
CA MET C 59 0.15 -6.27 27.35
C MET C 59 -0.48 -7.37 28.19
N SER C 60 0.33 -8.04 28.99
CA SER C 60 -0.18 -9.15 29.79
C SER C 60 0.30 -9.08 31.23
N THR C 61 -0.50 -9.64 32.13
CA THR C 61 -0.01 -9.93 33.46
C THR C 61 1.01 -11.04 33.29
N PRO C 62 1.98 -11.12 34.21
CA PRO C 62 3.00 -12.18 34.08
C PRO C 62 2.38 -13.58 34.06
N ASN C 63 1.26 -13.76 34.74
CA ASN C 63 0.58 -15.05 34.77
C ASN C 63 0.06 -15.41 33.37
N VAL C 64 -0.65 -14.47 32.76
CA VAL C 64 -1.20 -14.65 31.42
C VAL C 64 -0.12 -14.81 30.36
N ALA C 65 0.96 -14.04 30.52
CA ALA C 65 2.03 -14.00 29.53
C ALA C 65 2.78 -15.33 29.36
N GLU C 66 3.13 -15.98 30.46
CA GLU C 66 4.03 -17.10 30.34
C GLU C 66 3.31 -18.41 29.97
N SER C 67 1.99 -18.41 30.04
CA SER C 67 1.22 -19.51 29.47
C SER C 67 1.39 -19.50 27.95
N TYR C 68 1.52 -18.29 27.38
CA TYR C 68 1.74 -18.10 25.95
C TYR C 68 3.20 -18.27 25.59
N GLN C 69 4.04 -17.77 26.49
CA GLN C 69 5.47 -17.71 26.27
C GLN C 69 6.15 -19.06 26.36
N SER C 70 5.42 -20.01 26.93
CA SER C 70 5.90 -21.37 27.09
C SER C 70 6.20 -21.97 25.73
N LYS C 71 5.31 -21.69 24.78
CA LYS C 71 5.35 -22.26 23.44
C LYS C 71 6.62 -21.92 22.66
N PHE C 72 7.35 -20.89 23.10
CA PHE C 72 8.49 -20.43 22.30
C PHE C 72 9.88 -20.76 22.85
N LYS C 73 9.96 -21.55 23.92
CA LYS C 73 11.28 -21.78 24.51
C LYS C 73 11.70 -23.25 24.43
N GLY C 74 12.98 -23.40 24.65
CA GLY C 74 13.65 -24.62 24.41
C GLY C 74 14.09 -24.69 22.99
N ARG C 75 14.73 -25.80 22.72
CA ARG C 75 15.31 -26.18 21.44
C ARG C 75 14.19 -26.33 20.44
N ASN C 76 13.03 -26.68 20.96
CA ASN C 76 11.89 -26.96 20.13
C ASN C 76 10.76 -25.93 20.23
N GLY C 77 11.12 -24.67 20.47
CA GLY C 77 10.22 -23.53 20.37
C GLY C 77 9.49 -23.42 19.05
N LEU C 78 8.24 -22.95 19.09
CA LEU C 78 7.36 -22.91 17.93
C LEU C 78 7.98 -22.27 16.70
N ASP C 79 8.64 -21.12 16.89
CA ASP C 79 9.22 -20.43 15.75
C ASP C 79 10.44 -21.17 15.19
N LYS C 80 11.10 -21.91 16.06
CA LYS C 80 12.31 -22.65 15.71
C LYS C 80 11.97 -23.93 14.95
N VAL C 81 10.74 -24.43 15.14
CA VAL C 81 10.27 -25.63 14.47
C VAL C 81 9.59 -25.27 13.14
N LEU C 82 8.71 -24.28 13.16
CA LEU C 82 7.98 -23.84 11.97
C LEU C 82 8.87 -23.06 11.00
N GLY C 83 9.77 -22.24 11.56
CA GLY C 83 10.57 -21.32 10.77
C GLY C 83 9.71 -20.34 9.97
N ASP C 84 10.02 -20.23 8.68
CA ASP C 84 9.27 -19.35 7.78
C ASP C 84 8.49 -20.21 6.79
N SER C 85 8.24 -21.45 7.20
CA SER C 85 7.53 -22.39 6.34
C SER C 85 6.06 -22.09 6.19
N GLU C 86 5.46 -21.45 7.21
CA GLU C 86 4.02 -21.21 7.21
C GLU C 86 3.64 -19.93 7.96
N THR C 87 2.40 -19.51 7.82
CA THR C 87 1.87 -18.36 8.54
C THR C 87 0.44 -18.63 8.96
N THR C 88 0.03 -17.94 10.01
CA THR C 88 -1.34 -17.97 10.46
C THR C 88 -1.79 -16.53 10.66
N ARG C 89 -2.83 -16.14 9.94
CA ARG C 89 -3.37 -14.77 9.98
C ARG C 89 -4.59 -14.72 10.88
N VAL C 90 -4.89 -13.56 11.41
CA VAL C 90 -6.08 -13.33 12.23
C VAL C 90 -7.10 -12.37 11.62
N LYS C 91 -8.35 -12.78 11.67
CA LYS C 91 -9.49 -11.98 11.28
C LYS C 91 -10.36 -11.79 12.47
N ILE C 92 -10.60 -10.57 12.87
CA ILE C 92 -11.49 -10.32 13.97
C ILE C 92 -12.87 -10.25 13.42
N ASN C 93 -13.77 -11.01 13.98
CA ASN C 93 -15.14 -11.02 13.49
C ASN C 93 -16.09 -10.12 14.31
N SER C 94 -15.93 -10.15 15.63
CA SER C 94 -16.74 -9.32 16.51
C SER C 94 -16.10 -9.15 17.87
N VAL C 95 -16.38 -8.03 18.52
CA VAL C 95 -15.89 -7.78 19.88
C VAL C 95 -17.04 -7.31 20.77
N ILE C 96 -17.30 -8.04 21.84
CA ILE C 96 -18.34 -7.67 22.79
C ILE C 96 -17.77 -7.30 24.14
N LEU C 97 -18.08 -6.11 24.62
CA LEU C 97 -17.53 -5.62 25.88
C LEU C 97 -18.51 -5.76 27.02
N ASP C 98 -17.98 -6.12 28.19
CA ASP C 98 -18.70 -6.00 29.45
C ASP C 98 -17.84 -5.12 30.33
N LYS C 99 -17.88 -3.81 30.06
CA LYS C 99 -16.94 -2.87 30.67
C LYS C 99 -17.07 -2.74 32.19
N PRO C 100 -18.29 -2.85 32.75
CA PRO C 100 -18.34 -2.76 34.21
C PRO C 100 -17.52 -3.81 34.95
N HIS C 101 -17.22 -4.94 34.31
CA HIS C 101 -16.47 -6.02 34.96
C HIS C 101 -15.11 -6.18 34.32
N GLY C 102 -14.81 -5.32 33.34
CA GLY C 102 -13.54 -5.37 32.64
C GLY C 102 -13.37 -6.69 31.92
N VAL C 103 -14.46 -7.19 31.36
CA VAL C 103 -14.45 -8.44 30.63
C VAL C 103 -14.92 -8.21 29.20
N ALA C 104 -14.25 -8.85 28.25
CA ALA C 104 -14.60 -8.70 26.85
C ALA C 104 -14.59 -10.05 26.16
N THR C 105 -15.47 -10.23 25.19
CA THR C 105 -15.51 -11.46 24.40
C THR C 105 -15.16 -11.20 22.96
N ILE C 106 -14.09 -11.83 22.48
CA ILE C 106 -13.63 -11.58 21.13
C ILE C 106 -13.71 -12.87 20.34
N ARG C 107 -14.48 -12.81 19.26
CA ARG C 107 -14.63 -13.94 18.36
C ARG C 107 -13.79 -13.66 17.12
N PHE C 108 -12.94 -14.61 16.73
CA PHE C 108 -12.02 -14.38 15.62
C PHE C 108 -11.74 -15.63 14.79
N THR C 109 -11.16 -15.39 13.61
CA THR C 109 -10.88 -16.47 12.68
C THR C 109 -9.39 -16.53 12.37
N THR C 110 -8.82 -17.73 12.40
CA THR C 110 -7.43 -17.93 12.01
C THR C 110 -7.38 -18.67 10.68
N VAL C 111 -6.51 -18.24 9.78
CA VAL C 111 -6.29 -18.96 8.55
C VAL C 111 -4.82 -19.31 8.36
N ARG C 112 -4.51 -20.59 8.45
CA ARG C 112 -3.14 -21.06 8.33
C ARG C 112 -2.80 -21.25 6.87
N ARG C 113 -1.57 -20.93 6.51
CA ARG C 113 -1.11 -21.14 5.15
C ARG C 113 0.32 -21.64 5.11
N VAL C 114 0.52 -22.81 4.50
CA VAL C 114 1.85 -23.38 4.31
C VAL C 114 2.41 -22.83 3.01
N ARG C 115 3.60 -22.25 3.07
CA ARG C 115 4.14 -21.57 1.90
C ARG C 115 4.37 -22.50 0.73
N SER C 116 4.65 -23.76 1.03
CA SER C 116 4.80 -24.78 0.00
C SER C 116 3.47 -25.05 -0.71
N ASN C 117 2.37 -25.02 0.05
CA ASN C 117 1.05 -25.25 -0.53
C ASN C 117 0.58 -24.08 -1.37
N PRO C 118 -0.29 -24.36 -2.36
CA PRO C 118 -0.86 -23.30 -3.19
C PRO C 118 -2.12 -22.69 -2.58
N VAL C 119 -2.83 -23.47 -1.77
CA VAL C 119 -4.07 -23.00 -1.16
C VAL C 119 -3.88 -22.80 0.35
N ASP C 120 -4.64 -21.86 0.93
CA ASP C 120 -4.70 -21.68 2.38
C ASP C 120 -5.45 -22.85 2.96
N ASP C 121 -5.25 -23.15 4.23
CA ASP C 121 -6.10 -24.13 4.88
C ASP C 121 -7.49 -23.54 5.08
N GLN C 122 -8.42 -24.35 5.57
CA GLN C 122 -9.75 -23.87 5.87
C GLN C 122 -9.70 -23.15 7.20
N PRO C 123 -10.45 -22.03 7.30
CA PRO C 123 -10.49 -21.18 8.49
C PRO C 123 -10.93 -21.91 9.75
N GLN C 124 -10.43 -21.46 10.90
CA GLN C 124 -10.90 -21.99 12.18
C GLN C 124 -11.42 -20.83 13.01
N ARG C 125 -12.57 -21.04 13.66
CA ARG C 125 -13.26 -19.98 14.39
C ARG C 125 -13.17 -20.15 15.90
N TRP C 126 -12.84 -19.07 16.60
CA TRP C 126 -12.56 -19.15 18.04
C TRP C 126 -13.28 -18.13 18.91
N ILE C 127 -13.28 -18.41 20.21
CA ILE C 127 -13.79 -17.46 21.20
C ILE C 127 -12.69 -17.05 22.16
N ALA C 128 -12.44 -15.77 22.30
CA ALA C 128 -11.51 -15.31 23.32
C ALA C 128 -12.27 -14.55 24.40
N ILE C 129 -12.32 -15.12 25.60
CA ILE C 129 -12.90 -14.42 26.76
C ILE C 129 -11.76 -13.77 27.51
N MET C 130 -11.77 -12.44 27.59
CA MET C 130 -10.62 -11.73 28.11
C MET C 130 -10.98 -10.84 29.28
N GLY C 131 -10.08 -10.78 30.25
CA GLY C 131 -10.18 -9.81 31.31
C GLY C 131 -9.08 -8.81 31.05
N TYR C 132 -9.40 -7.53 31.17
CA TYR C 132 -8.44 -6.49 30.85
C TYR C 132 -8.60 -5.28 31.75
N GLU C 133 -7.55 -4.46 31.81
CA GLU C 133 -7.51 -3.26 32.64
C GLU C 133 -6.43 -2.31 32.15
N TYR C 134 -6.47 -1.05 32.59
CA TYR C 134 -5.41 -0.10 32.25
C TYR C 134 -4.65 0.33 33.48
N LYS C 135 -3.32 0.29 33.39
CA LYS C 135 -2.46 0.70 34.48
C LYS C 135 -1.31 1.59 34.01
N SER C 136 -1.10 2.70 34.70
CA SER C 136 0.13 3.48 34.55
C SER C 136 1.33 2.56 34.70
N LEU C 137 2.16 2.45 33.65
CA LEU C 137 3.34 1.57 33.71
C LEU C 137 4.68 2.25 33.36
N ALA C 138 5.77 1.51 33.60
CA ALA C 138 7.16 1.90 33.38
C ALA C 138 7.54 2.47 32.00
N MET C 139 8.04 3.71 32.02
CA MET C 139 8.39 4.51 30.84
C MET C 139 9.59 4.00 30.01
N ASN C 140 9.45 4.15 28.69
CA ASN C 140 10.48 3.86 27.69
C ASN C 140 10.22 4.46 26.30
N ALA C 141 11.25 4.57 25.47
CA ALA C 141 11.01 4.96 24.10
C ALA C 141 10.19 3.92 23.28
N GLU C 142 10.58 2.66 23.38
CA GLU C 142 10.01 1.58 22.55
C GLU C 142 8.55 1.22 22.84
N GLN C 143 8.21 1.17 24.14
CA GLN C 143 6.87 0.89 24.63
C GLN C 143 5.88 1.96 24.25
N ARG C 144 6.36 3.15 24.04
CA ARG C 144 5.55 4.27 23.65
C ARG C 144 4.84 3.84 22.39
N TYR C 145 5.55 3.10 21.61
CA TYR C 145 5.07 2.74 20.28
C TYR C 145 4.22 1.48 20.31
N VAL C 146 4.10 0.86 21.49
CA VAL C 146 3.38 -0.41 21.59
C VAL C 146 2.20 -0.39 22.58
N ASN C 147 2.49 -0.03 23.82
CA ASN C 147 1.46 0.10 24.87
C ASN C 147 1.59 1.38 25.70
N PRO C 148 1.23 2.52 25.13
CA PRO C 148 1.39 3.79 25.84
C PRO C 148 0.42 3.95 27.00
N LEU C 149 -0.74 3.34 26.88
CA LEU C 149 -1.79 3.52 27.88
C LEU C 149 -1.73 2.47 28.98
N GLY C 150 -0.72 1.62 28.91
CA GLY C 150 -0.56 0.60 29.93
C GLY C 150 -1.70 -0.41 29.98
N PHE C 151 -2.24 -0.78 28.84
CA PHE C 151 -3.28 -1.79 28.75
C PHE C 151 -2.76 -3.13 29.23
N ARG C 152 -3.59 -3.84 29.96
CA ARG C 152 -3.21 -5.10 30.54
C ARG C 152 -4.30 -6.13 30.41
N VAL C 153 -3.93 -7.33 30.02
CA VAL C 153 -4.85 -8.42 30.01
C VAL C 153 -4.58 -9.27 31.26
N THR C 154 -5.64 -9.61 32.01
CA THR C 154 -5.51 -10.31 33.28
C THR C 154 -5.96 -11.77 33.23
N SER C 155 -6.74 -12.12 32.21
CA SER C 155 -7.11 -13.51 31.95
C SER C 155 -7.37 -13.73 30.45
N TYR C 156 -7.10 -14.95 29.98
CA TYR C 156 -7.16 -15.24 28.55
C TYR C 156 -7.48 -16.71 28.31
N ARG C 157 -8.58 -16.96 27.60
CA ARG C 157 -8.99 -18.31 27.25
C ARG C 157 -9.55 -18.39 25.83
N VAL C 158 -9.13 -19.42 25.08
CA VAL C 158 -9.62 -19.59 23.72
C VAL C 158 -10.29 -20.95 23.47
N ASN C 159 -11.39 -20.96 22.73
CA ASN C 159 -12.04 -22.20 22.31
C ASN C 159 -12.63 -22.08 20.92
N PRO C 160 -12.78 -23.20 20.21
CA PRO C 160 -13.41 -23.14 18.89
C PRO C 160 -14.89 -22.80 19.04
N GLU C 161 -15.52 -22.40 17.95
CA GLU C 161 -16.93 -22.08 17.99
C GLU C 161 -17.77 -23.19 17.37
N TYR D 25 15.30 -8.17 -7.30
CA TYR D 25 15.96 -7.22 -8.18
C TYR D 25 15.61 -5.78 -7.82
N GLY D 26 14.95 -5.60 -6.68
CA GLY D 26 14.53 -4.26 -6.28
C GLY D 26 13.07 -4.10 -6.61
N ASP D 27 12.39 -3.24 -5.85
CA ASP D 27 10.95 -3.12 -5.91
C ASP D 27 10.39 -2.77 -7.28
N GLU D 28 10.92 -1.72 -7.89
CA GLU D 28 10.33 -1.16 -9.10
C GLU D 28 10.46 -2.13 -10.27
N ILE D 29 11.56 -2.87 -10.29
CA ILE D 29 11.77 -3.86 -11.34
C ILE D 29 10.76 -4.99 -11.15
N ASP D 30 10.59 -5.43 -9.91
CA ASP D 30 9.58 -6.44 -9.60
C ASP D 30 8.21 -5.97 -10.04
N LYS D 31 7.86 -4.75 -9.66
CA LYS D 31 6.54 -4.19 -9.97
C LYS D 31 6.34 -4.09 -11.47
N PHE D 32 7.41 -3.83 -12.20
CA PHE D 32 7.28 -3.74 -13.63
C PHE D 32 6.86 -5.10 -14.24
N TRP D 33 7.61 -6.16 -13.95
CA TRP D 33 7.31 -7.46 -14.55
C TRP D 33 5.96 -7.99 -14.11
N LEU D 34 5.59 -7.76 -12.86
CA LEU D 34 4.29 -8.21 -12.39
C LEU D 34 3.13 -7.53 -13.11
N THR D 35 3.23 -6.22 -13.29
CA THR D 35 2.14 -5.48 -13.93
C THR D 35 2.08 -5.82 -15.42
N GLN D 36 3.24 -5.97 -16.04
CA GLN D 36 3.30 -6.34 -17.45
C GLN D 36 2.65 -7.72 -17.66
N TYR D 37 2.83 -8.60 -16.70
CA TYR D 37 2.27 -9.94 -16.74
C TYR D 37 0.75 -9.90 -16.69
N VAL D 38 0.21 -9.15 -15.73
CA VAL D 38 -1.23 -9.03 -15.57
C VAL D 38 -1.81 -8.41 -16.83
N ILE D 39 -1.13 -7.40 -17.35
CA ILE D 39 -1.57 -6.75 -18.57
C ILE D 39 -1.59 -7.73 -19.75
N HIS D 40 -0.54 -8.54 -19.87
CA HIS D 40 -0.48 -9.53 -20.94
C HIS D 40 -1.56 -10.58 -20.78
N ARG D 41 -1.79 -10.98 -19.53
CA ARG D 41 -2.64 -12.12 -19.27
C ARG D 41 -4.11 -11.75 -19.20
N GLU D 42 -4.42 -10.56 -18.67
CA GLU D 42 -5.80 -10.18 -18.44
C GLU D 42 -6.41 -9.30 -19.55
N SER D 43 -5.58 -8.85 -20.49
CA SER D 43 -6.09 -8.12 -21.65
C SER D 43 -6.60 -9.07 -22.73
N TYR D 44 -7.45 -8.56 -23.61
CA TYR D 44 -7.77 -9.25 -24.85
C TYR D 44 -7.77 -8.31 -26.05
N ASP D 45 -6.86 -8.60 -26.97
CA ASP D 45 -6.78 -7.94 -28.27
C ASP D 45 -6.36 -8.99 -29.29
N PHE D 46 -7.20 -9.22 -30.30
CA PHE D 46 -6.95 -10.29 -31.25
C PHE D 46 -5.61 -10.18 -31.95
N TYR D 47 -5.20 -8.96 -32.25
CA TYR D 47 -3.97 -8.74 -33.02
C TYR D 47 -2.71 -8.80 -32.19
N SER D 48 -2.87 -8.87 -30.87
CA SER D 48 -1.71 -8.95 -30.01
C SER D 48 -1.83 -10.15 -29.09
N VAL D 49 -2.84 -10.98 -29.33
CA VAL D 49 -3.11 -12.09 -28.44
C VAL D 49 -1.96 -13.08 -28.53
N GLN D 50 -1.34 -13.16 -29.71
CA GLN D 50 -0.21 -14.06 -29.93
C GLN D 50 1.01 -13.56 -29.17
N VAL D 51 1.18 -12.25 -29.16
CA VAL D 51 2.27 -11.64 -28.39
C VAL D 51 2.02 -11.83 -26.90
N ASP D 52 0.79 -11.57 -26.48
CA ASP D 52 0.42 -11.73 -25.08
C ASP D 52 0.51 -13.19 -24.64
N TYR D 53 0.02 -14.10 -25.50
CA TYR D 53 0.06 -15.53 -25.23
C TYR D 53 1.50 -16.01 -25.07
N THR D 54 2.38 -15.53 -25.94
CA THR D 54 3.79 -15.89 -25.89
C THR D 54 4.46 -15.39 -24.60
N ALA D 55 4.20 -14.14 -24.25
CA ALA D 55 4.80 -13.55 -23.07
C ALA D 55 4.40 -14.28 -21.79
N VAL D 56 3.12 -14.58 -21.66
CA VAL D 56 2.61 -15.26 -20.46
C VAL D 56 3.27 -16.63 -20.32
N GLY D 57 3.48 -17.31 -21.44
CA GLY D 57 4.12 -18.61 -21.41
C GLY D 57 5.53 -18.50 -20.86
N LEU D 58 6.25 -17.47 -21.32
CA LEU D 58 7.64 -17.28 -20.92
C LEU D 58 7.78 -16.83 -19.47
N MET D 59 6.73 -16.21 -18.93
CA MET D 59 6.80 -15.65 -17.60
C MET D 59 6.05 -16.49 -16.58
N SER D 60 5.84 -17.76 -16.90
CA SER D 60 5.09 -18.63 -16.01
C SER D 60 5.77 -19.99 -15.83
N THR D 61 5.56 -20.62 -14.68
CA THR D 61 5.89 -22.03 -14.55
C THR D 61 4.88 -22.77 -15.40
N PRO D 62 5.25 -23.94 -15.95
CA PRO D 62 4.35 -24.68 -16.84
C PRO D 62 3.00 -25.00 -16.21
N ASN D 63 2.96 -25.19 -14.90
CA ASN D 63 1.68 -25.42 -14.22
C ASN D 63 0.80 -24.18 -14.33
N VAL D 64 1.37 -23.04 -13.96
CA VAL D 64 0.68 -21.78 -14.08
C VAL D 64 0.43 -21.49 -15.55
N ALA D 65 1.41 -21.83 -16.38
CA ALA D 65 1.32 -21.49 -17.79
C ALA D 65 0.22 -22.22 -18.51
N GLU D 66 0.22 -23.54 -18.44
CA GLU D 66 -0.65 -24.30 -19.34
C GLU D 66 -2.04 -24.32 -18.73
N SER D 67 -2.15 -23.88 -17.48
CA SER D 67 -3.44 -23.62 -16.89
C SER D 67 -4.08 -22.40 -17.57
N TYR D 68 -3.23 -21.48 -18.03
CA TYR D 68 -3.68 -20.29 -18.75
C TYR D 68 -3.96 -20.60 -20.22
N GLN D 69 -3.15 -21.48 -20.79
CA GLN D 69 -3.25 -21.85 -22.20
C GLN D 69 -4.50 -22.70 -22.40
N SER D 70 -5.15 -23.04 -21.27
CA SER D 70 -6.37 -23.83 -21.28
C SER D 70 -7.39 -23.12 -22.15
N LYS D 71 -7.50 -21.82 -21.94
CA LYS D 71 -8.49 -21.02 -22.63
C LYS D 71 -8.26 -20.88 -24.12
N PHE D 72 -7.08 -21.22 -24.60
CA PHE D 72 -6.78 -20.98 -25.99
C PHE D 72 -6.74 -22.18 -26.91
N LYS D 73 -7.18 -23.35 -26.43
CA LYS D 73 -7.02 -24.62 -27.15
C LYS D 73 -8.34 -25.26 -27.61
N GLY D 74 -8.27 -26.02 -28.72
CA GLY D 74 -9.45 -26.56 -29.37
C GLY D 74 -10.02 -25.50 -30.30
N ARG D 75 -11.13 -25.84 -30.98
CA ARG D 75 -11.75 -24.89 -31.90
C ARG D 75 -12.41 -23.72 -31.16
N ASN D 76 -12.68 -23.88 -29.88
CA ASN D 76 -13.30 -22.82 -29.09
C ASN D 76 -12.24 -22.27 -28.13
N GLY D 77 -11.03 -22.11 -28.65
CA GLY D 77 -10.02 -21.31 -27.96
C GLY D 77 -10.55 -19.90 -27.90
N LEU D 78 -10.24 -19.17 -26.82
CA LEU D 78 -10.81 -17.83 -26.64
C LEU D 78 -10.72 -16.97 -27.89
N ASP D 79 -9.57 -17.00 -28.54
CA ASP D 79 -9.36 -16.18 -29.74
C ASP D 79 -10.22 -16.67 -30.89
N LYS D 80 -10.64 -17.93 -30.83
CA LYS D 80 -11.43 -18.52 -31.91
C LYS D 80 -12.88 -18.04 -31.91
N VAL D 81 -13.38 -17.73 -30.73
CA VAL D 81 -14.75 -17.26 -30.57
C VAL D 81 -14.88 -15.75 -30.57
N LEU D 82 -14.03 -15.10 -29.80
CA LEU D 82 -14.15 -13.66 -29.73
C LEU D 82 -13.66 -13.09 -31.04
N GLY D 83 -12.57 -13.64 -31.56
CA GLY D 83 -11.96 -13.09 -32.75
C GLY D 83 -11.61 -11.64 -32.48
N ASP D 84 -12.07 -10.75 -33.35
CA ASP D 84 -11.86 -9.32 -33.17
C ASP D 84 -13.19 -8.65 -32.83
N SER D 85 -14.13 -9.42 -32.28
CA SER D 85 -15.46 -8.89 -31.96
C SER D 85 -15.45 -7.88 -30.85
N GLU D 86 -14.50 -8.05 -29.93
CA GLU D 86 -14.41 -7.27 -28.71
C GLU D 86 -12.97 -7.14 -28.23
N THR D 87 -12.76 -6.25 -27.27
CA THR D 87 -11.44 -6.08 -26.67
C THR D 87 -11.62 -5.85 -25.18
N THR D 88 -10.60 -6.20 -24.41
CA THR D 88 -10.62 -5.90 -22.99
C THR D 88 -9.28 -5.31 -22.59
N ARG D 89 -9.32 -4.08 -22.09
CA ARG D 89 -8.13 -3.37 -21.62
C ARG D 89 -7.99 -3.41 -20.10
N VAL D 90 -6.74 -3.37 -19.64
CA VAL D 90 -6.42 -3.45 -18.22
C VAL D 90 -5.82 -2.17 -17.64
N LYS D 91 -6.30 -1.76 -16.47
CA LYS D 91 -5.65 -0.68 -15.75
C LYS D 91 -5.20 -1.13 -14.37
N ILE D 92 -3.89 -1.07 -14.13
CA ILE D 92 -3.33 -1.37 -12.82
C ILE D 92 -3.59 -0.23 -11.83
N ASN D 93 -4.15 -0.57 -10.67
CA ASN D 93 -4.47 0.43 -9.65
C ASN D 93 -3.45 0.46 -8.51
N SER D 94 -2.97 -0.70 -8.10
CA SER D 94 -1.96 -0.79 -7.05
C SER D 94 -1.20 -2.11 -7.11
N VAL D 95 0.05 -2.06 -6.67
CA VAL D 95 0.91 -3.24 -6.55
C VAL D 95 1.61 -3.24 -5.20
N ILE D 96 1.39 -4.30 -4.41
CA ILE D 96 2.04 -4.42 -3.11
C ILE D 96 2.98 -5.61 -3.05
N LEU D 97 4.22 -5.37 -2.65
CA LEU D 97 5.22 -6.43 -2.64
C LEU D 97 5.52 -7.03 -1.28
N ASP D 98 5.72 -8.34 -1.27
CA ASP D 98 6.33 -9.06 -0.16
C ASP D 98 7.52 -9.85 -0.72
N LYS D 99 8.65 -9.19 -0.96
CA LYS D 99 9.75 -9.85 -1.68
C LYS D 99 10.40 -11.07 -1.02
N PRO D 100 10.49 -11.10 0.32
CA PRO D 100 11.14 -12.29 0.91
C PRO D 100 10.45 -13.61 0.55
N HIS D 101 9.19 -13.57 0.16
CA HIS D 101 8.44 -14.78 -0.16
C HIS D 101 8.11 -14.86 -1.64
N GLY D 102 8.51 -13.84 -2.40
CA GLY D 102 8.20 -13.80 -3.81
C GLY D 102 6.70 -13.75 -4.03
N VAL D 103 6.01 -12.98 -3.19
CA VAL D 103 4.56 -12.85 -3.25
C VAL D 103 4.12 -11.41 -3.48
N ALA D 104 3.13 -11.22 -4.35
CA ALA D 104 2.61 -9.90 -4.67
C ALA D 104 1.09 -9.89 -4.79
N THR D 105 0.48 -8.77 -4.39
CA THR D 105 -0.95 -8.55 -4.55
C THR D 105 -1.20 -7.34 -5.45
N ILE D 106 -1.91 -7.56 -6.54
CA ILE D 106 -2.15 -6.54 -7.54
C ILE D 106 -3.64 -6.25 -7.72
N ARG D 107 -4.03 -5.00 -7.61
CA ARG D 107 -5.38 -4.68 -7.84
C ARG D 107 -5.52 -4.02 -9.16
N PHE D 108 -6.43 -4.46 -9.97
CA PHE D 108 -6.54 -3.94 -11.32
C PHE D 108 -7.98 -3.91 -11.80
N THR D 109 -8.19 -3.17 -12.88
CA THR D 109 -9.52 -2.94 -13.43
C THR D 109 -9.61 -3.31 -14.90
N THR D 110 -10.65 -4.05 -15.28
CA THR D 110 -10.88 -4.39 -16.69
C THR D 110 -12.11 -3.70 -17.28
N VAL D 111 -11.97 -3.25 -18.53
CA VAL D 111 -13.08 -2.69 -19.29
C VAL D 111 -13.30 -3.44 -20.60
N ARG D 112 -14.39 -4.20 -20.68
CA ARG D 112 -14.68 -4.96 -21.89
C ARG D 112 -15.48 -4.10 -22.85
N ARG D 113 -15.22 -4.22 -24.14
CA ARG D 113 -16.02 -3.47 -25.12
C ARG D 113 -16.34 -4.25 -26.38
N VAL D 114 -17.62 -4.31 -26.70
CA VAL D 114 -18.09 -4.95 -27.92
C VAL D 114 -18.02 -3.97 -29.09
N ARG D 115 -17.38 -4.39 -30.19
CA ARG D 115 -17.19 -3.49 -31.32
C ARG D 115 -18.50 -3.05 -31.97
N SER D 116 -19.52 -3.90 -31.92
CA SER D 116 -20.81 -3.54 -32.47
C SER D 116 -21.43 -2.39 -31.69
N ASN D 117 -21.30 -2.45 -30.37
CA ASN D 117 -21.88 -1.41 -29.52
C ASN D 117 -21.11 -0.09 -29.51
N PRO D 118 -21.83 1.00 -29.21
CA PRO D 118 -21.30 2.35 -29.03
C PRO D 118 -20.80 2.53 -27.60
N VAL D 119 -21.24 1.64 -26.70
CA VAL D 119 -20.92 1.78 -25.28
C VAL D 119 -19.81 0.83 -24.81
N ASP D 120 -18.97 1.28 -23.89
CA ASP D 120 -18.08 0.34 -23.20
C ASP D 120 -18.89 -0.36 -22.12
N ASP D 121 -18.48 -1.57 -21.75
CA ASP D 121 -19.10 -2.20 -20.60
C ASP D 121 -18.64 -1.49 -19.35
N GLN D 122 -19.22 -1.84 -18.21
CA GLN D 122 -18.84 -1.23 -16.95
C GLN D 122 -17.57 -1.89 -16.44
N PRO D 123 -16.67 -1.09 -15.86
CA PRO D 123 -15.40 -1.60 -15.35
C PRO D 123 -15.62 -2.67 -14.27
N GLN D 124 -14.71 -3.64 -14.19
CA GLN D 124 -14.74 -4.65 -13.14
C GLN D 124 -13.41 -4.63 -12.40
N ARG D 125 -13.43 -4.66 -11.07
CA ARG D 125 -12.19 -4.59 -10.32
C ARG D 125 -11.81 -5.94 -9.73
N TRP D 126 -10.52 -6.28 -9.82
CA TRP D 126 -10.05 -7.61 -9.44
C TRP D 126 -8.82 -7.53 -8.54
N ILE D 127 -8.53 -8.66 -7.91
CA ILE D 127 -7.29 -8.81 -7.16
C ILE D 127 -6.49 -9.97 -7.74
N ALA D 128 -5.23 -9.75 -8.07
CA ALA D 128 -4.39 -10.85 -8.50
C ALA D 128 -3.33 -11.16 -7.42
N ILE D 129 -3.44 -12.35 -6.84
CA ILE D 129 -2.44 -12.83 -5.88
C ILE D 129 -1.40 -13.64 -6.61
N MET D 130 -0.16 -13.16 -6.57
CA MET D 130 0.88 -13.75 -7.41
C MET D 130 2.11 -14.22 -6.64
N GLY D 131 2.67 -15.32 -7.08
CA GLY D 131 3.98 -15.75 -6.63
C GLY D 131 4.94 -15.58 -7.78
N TYR D 132 6.14 -15.07 -7.52
CA TYR D 132 7.07 -14.86 -8.61
C TYR D 132 8.52 -15.12 -8.20
N GLU D 133 9.37 -15.30 -9.20
CA GLU D 133 10.78 -15.58 -8.97
C GLU D 133 11.57 -15.26 -10.23
N TYR D 134 12.89 -15.12 -10.09
CA TYR D 134 13.72 -14.95 -11.27
C TYR D 134 14.64 -16.15 -11.42
N LYS D 135 14.69 -16.74 -12.60
CA LYS D 135 15.67 -17.75 -12.89
C LYS D 135 16.25 -17.44 -14.26
N SER D 136 17.52 -17.06 -14.29
CA SER D 136 18.26 -17.01 -15.53
C SER D 136 18.71 -18.40 -15.93
N LEU D 137 18.24 -18.83 -17.09
CA LEU D 137 18.60 -20.12 -17.71
C LEU D 137 19.18 -19.81 -19.07
N ALA D 138 19.71 -20.82 -19.76
CA ALA D 138 20.41 -20.61 -21.04
C ALA D 138 19.62 -19.72 -22.00
N MET D 139 20.25 -18.66 -22.45
CA MET D 139 19.57 -17.52 -23.02
C MET D 139 18.80 -17.94 -24.25
N ASN D 140 17.84 -17.12 -24.64
CA ASN D 140 17.00 -17.42 -25.75
C ASN D 140 16.81 -16.16 -26.61
N ALA D 141 16.49 -16.36 -27.89
CA ALA D 141 16.27 -15.26 -28.81
C ALA D 141 14.97 -14.55 -28.47
N GLU D 142 14.02 -15.36 -28.01
CA GLU D 142 12.65 -14.92 -27.78
C GLU D 142 12.41 -14.24 -26.45
N GLN D 143 13.13 -14.66 -25.42
CA GLN D 143 13.03 -14.05 -24.11
C GLN D 143 13.63 -12.65 -24.05
N ARG D 144 14.59 -12.37 -24.94
CA ARG D 144 15.38 -11.15 -24.87
C ARG D 144 14.57 -9.87 -24.97
N TYR D 145 13.56 -9.82 -25.84
CA TYR D 145 12.76 -8.61 -25.94
C TYR D 145 11.56 -8.74 -25.03
N VAL D 146 11.43 -9.90 -24.38
CA VAL D 146 10.25 -10.15 -23.57
C VAL D 146 10.57 -10.41 -22.09
N ASN D 147 11.48 -11.35 -21.83
CA ASN D 147 11.83 -11.68 -20.45
C ASN D 147 13.32 -11.87 -20.24
N PRO D 148 14.11 -10.79 -20.37
CA PRO D 148 15.57 -10.86 -20.32
C PRO D 148 16.09 -11.33 -18.97
N LEU D 149 15.34 -11.03 -17.91
CA LEU D 149 15.79 -11.32 -16.56
C LEU D 149 15.31 -12.66 -16.06
N GLY D 150 14.64 -13.41 -16.93
CA GLY D 150 14.14 -14.72 -16.57
C GLY D 150 13.10 -14.67 -15.47
N PHE D 151 12.30 -13.61 -15.48
CA PHE D 151 11.18 -13.47 -14.56
C PHE D 151 10.19 -14.61 -14.77
N ARG D 152 9.64 -15.11 -13.67
CA ARG D 152 8.65 -16.17 -13.79
C ARG D 152 7.63 -16.16 -12.65
N VAL D 153 6.37 -16.39 -13.00
CA VAL D 153 5.29 -16.47 -12.02
C VAL D 153 5.06 -17.93 -11.63
N THR D 154 5.02 -18.19 -10.33
CA THR D 154 4.95 -19.56 -9.82
C THR D 154 3.58 -19.93 -9.31
N SER D 155 2.79 -18.92 -8.98
CA SER D 155 1.40 -19.13 -8.58
C SER D 155 0.61 -17.90 -8.99
N TYR D 156 -0.66 -18.10 -9.33
CA TYR D 156 -1.47 -17.02 -9.86
C TYR D 156 -2.95 -17.28 -9.61
N ARG D 157 -3.59 -16.40 -8.88
CA ARG D 157 -5.00 -16.51 -8.67
C ARG D 157 -5.67 -15.12 -8.74
N VAL D 158 -6.79 -15.01 -9.41
CA VAL D 158 -7.54 -13.76 -9.52
C VAL D 158 -8.90 -13.89 -8.85
N ASN D 159 -9.31 -12.86 -8.12
CA ASN D 159 -10.60 -12.87 -7.45
C ASN D 159 -11.31 -11.50 -7.53
N PRO D 160 -12.65 -11.52 -7.55
CA PRO D 160 -13.46 -10.29 -7.55
C PRO D 160 -13.43 -9.59 -6.20
N GLU D 161 -13.95 -8.37 -6.17
CA GLU D 161 -14.02 -7.62 -4.92
C GLU D 161 -15.43 -7.56 -4.33
#